data_2O3F
#
_entry.id   2O3F
#
_cell.length_a   58.898
_cell.length_b   48.060
_cell.length_c   58.854
_cell.angle_alpha   90.00
_cell.angle_beta   119.92
_cell.angle_gamma   90.00
#
_symmetry.space_group_name_H-M   'P 1 2 1'
#
loop_
_entity.id
_entity.type
_entity.pdbx_description
1 polymer 'Putative HTH-type transcriptional regulator ybbH'
2 non-polymer 'SULFATE ION'
3 water water
#
_entity_poly.entity_id   1
_entity_poly.type   'polypeptide(L)'
_entity_poly.pdbx_seq_one_letter_code
;SNA(MSE)ATGGLAIIQS(MSE)(MLY)H(MLY)LPPSERKLADYILAHPH(MLY)AIESTVNEISALANSSDAAVIRLC
(MLY)SLGLKGFQDL(MLY)(MSE)RVAGDLAKPTFQGYRDIVPHEPLPSISEKTAGNAIQAI
;
_entity_poly.pdbx_strand_id   A,B,C
#
# COMPACT_ATOMS: atom_id res chain seq x y z
N ALA A 5 -22.97 -28.42 6.18
CA ALA A 5 -21.94 -27.68 6.89
C ALA A 5 -20.71 -27.65 6.00
N THR A 6 -20.93 -27.91 4.71
CA THR A 6 -19.89 -28.08 3.70
C THR A 6 -20.39 -27.50 2.37
N GLY A 7 -19.57 -27.68 1.32
CA GLY A 7 -19.95 -27.34 -0.04
C GLY A 7 -19.69 -25.88 -0.41
N GLY A 8 -19.09 -25.08 0.50
CA GLY A 8 -18.86 -23.65 0.26
C GLY A 8 -18.04 -23.38 -0.98
N LEU A 9 -16.96 -24.16 -1.19
CA LEU A 9 -16.14 -23.92 -2.36
C LEU A 9 -16.80 -24.37 -3.67
N ALA A 10 -17.50 -25.48 -3.61
CA ALA A 10 -18.21 -26.02 -4.77
C ALA A 10 -19.27 -25.05 -5.23
N ILE A 11 -20.08 -24.56 -4.28
CA ILE A 11 -21.16 -23.62 -4.62
C ILE A 11 -20.62 -22.31 -5.23
N ILE A 12 -19.50 -21.79 -4.71
CA ILE A 12 -18.88 -20.58 -5.30
C ILE A 12 -18.31 -20.85 -6.70
N GLN A 13 -17.60 -21.97 -6.85
CA GLN A 13 -17.00 -22.28 -8.15
C GLN A 13 -18.10 -22.48 -9.23
N SER A 14 -19.18 -23.17 -8.87
CA SER A 14 -20.39 -23.31 -9.72
C SER A 14 -20.98 -22.03 -10.30
N HIS A 17 -19.06 -17.89 -13.05
CA HIS A 17 -19.37 -17.20 -14.32
C HIS A 17 -20.84 -16.79 -14.46
N LEU A 19 -22.25 -14.63 -11.98
CA LEU A 19 -22.39 -13.60 -10.95
C LEU A 19 -22.14 -12.20 -11.50
N PRO A 20 -22.89 -11.20 -11.02
CA PRO A 20 -22.56 -9.85 -11.44
C PRO A 20 -21.14 -9.50 -10.98
N PRO A 21 -20.53 -8.48 -11.60
CA PRO A 21 -19.15 -8.00 -11.31
C PRO A 21 -18.71 -7.94 -9.84
N SER A 22 -19.50 -7.27 -9.01
CA SER A 22 -19.10 -7.02 -7.63
C SER A 22 -19.08 -8.32 -6.86
N GLU A 23 -20.01 -9.21 -7.18
CA GLU A 23 -20.04 -10.53 -6.55
CA GLU A 23 -20.05 -10.52 -6.55
C GLU A 23 -18.92 -11.42 -7.11
N ARG A 24 -18.57 -11.22 -8.38
CA ARG A 24 -17.54 -11.98 -9.03
C ARG A 24 -16.15 -11.74 -8.41
N LYS A 25 -15.81 -10.48 -8.16
CA LYS A 25 -14.52 -10.11 -7.52
C LYS A 25 -14.41 -10.85 -6.19
N LEU A 26 -15.52 -10.89 -5.44
CA LEU A 26 -15.54 -11.62 -4.16
C LEU A 26 -15.34 -13.12 -4.34
N ALA A 27 -16.06 -13.73 -5.29
CA ALA A 27 -15.96 -15.17 -5.47
C ALA A 27 -14.52 -15.51 -5.87
N ASP A 28 -13.94 -14.65 -6.68
CA ASP A 28 -12.58 -14.88 -7.13
C ASP A 28 -11.57 -14.84 -5.98
N TYR A 29 -11.74 -13.90 -5.06
CA TYR A 29 -10.76 -13.75 -3.99
C TYR A 29 -10.88 -14.94 -3.03
N ILE A 30 -12.14 -15.34 -2.74
CA ILE A 30 -12.42 -16.46 -1.81
C ILE A 30 -11.86 -17.75 -2.40
N LEU A 31 -12.10 -17.97 -3.68
CA LEU A 31 -11.56 -19.17 -4.30
C LEU A 31 -10.05 -19.18 -4.31
N ALA A 32 -9.44 -18.02 -4.47
CA ALA A 32 -7.96 -17.90 -4.50
C ALA A 32 -7.35 -18.04 -3.12
N HIS A 33 -8.06 -17.51 -2.10
CA HIS A 33 -7.53 -17.49 -0.73
C HIS A 33 -8.59 -17.97 0.28
N PRO A 34 -8.99 -19.25 0.18
CA PRO A 34 -10.07 -19.72 1.08
C PRO A 34 -9.68 -19.78 2.56
N HIS A 35 -8.41 -20.06 2.88
CA HIS A 35 -7.97 -19.99 4.27
C HIS A 35 -8.09 -18.59 4.88
N ALA A 37 -10.18 -16.44 3.75
CA ALA A 37 -11.60 -16.05 3.70
C ALA A 37 -12.30 -16.46 4.98
N ILE A 38 -11.98 -17.67 5.47
CA ILE A 38 -12.71 -18.26 6.65
C ILE A 38 -12.33 -17.55 7.96
N GLU A 39 -11.26 -16.74 7.90
CA GLU A 39 -10.83 -15.92 9.03
C GLU A 39 -10.96 -14.42 8.75
N SER A 40 -11.93 -14.03 7.92
CA SER A 40 -12.06 -12.63 7.57
C SER A 40 -13.43 -12.14 7.99
N THR A 41 -13.50 -10.87 8.35
CA THR A 41 -14.78 -10.16 8.49
C THR A 41 -15.34 -9.75 7.14
N VAL A 42 -16.61 -9.35 7.15
CA VAL A 42 -17.23 -8.75 5.92
C VAL A 42 -16.44 -7.54 5.39
N ASN A 43 -16.03 -6.64 6.29
CA ASN A 43 -15.27 -5.45 5.90
C ASN A 43 -13.93 -5.86 5.30
N GLU A 44 -13.29 -6.89 5.87
CA GLU A 44 -11.95 -7.31 5.34
C GLU A 44 -12.07 -7.94 3.96
N ILE A 45 -13.02 -8.86 3.81
CA ILE A 45 -13.11 -9.55 2.53
C ILE A 45 -13.56 -8.59 1.43
N SER A 46 -14.43 -7.63 1.75
CA SER A 46 -14.86 -6.70 0.72
C SER A 46 -13.67 -5.81 0.28
N ALA A 47 -12.84 -5.39 1.23
CA ALA A 47 -11.61 -4.62 0.89
C ALA A 47 -10.66 -5.45 0.04
N LEU A 48 -10.46 -6.70 0.43
CA LEU A 48 -9.53 -7.60 -0.28
C LEU A 48 -9.98 -7.83 -1.73
N ALA A 49 -11.29 -7.90 -1.95
CA ALA A 49 -11.81 -8.16 -3.31
C ALA A 49 -12.06 -6.86 -4.08
N ASN A 50 -11.75 -5.71 -3.44
CA ASN A 50 -12.08 -4.38 -3.97
C ASN A 50 -13.53 -4.33 -4.38
N SER A 51 -14.40 -4.65 -3.42
CA SER A 51 -15.84 -4.75 -3.63
C SER A 51 -16.52 -4.00 -2.49
N SER A 52 -17.77 -4.28 -2.15
CA SER A 52 -18.41 -3.53 -1.07
C SER A 52 -19.00 -4.48 -0.03
N ASP A 53 -19.33 -3.94 1.16
CA ASP A 53 -20.01 -4.75 2.18
C ASP A 53 -21.33 -5.27 1.66
N ALA A 54 -22.05 -4.43 0.92
CA ALA A 54 -23.37 -4.82 0.39
C ALA A 54 -23.27 -6.00 -0.58
N ALA A 55 -22.19 -6.00 -1.38
CA ALA A 55 -21.95 -7.06 -2.36
C ALA A 55 -21.64 -8.42 -1.69
N VAL A 56 -20.99 -8.40 -0.54
CA VAL A 56 -20.77 -9.65 0.20
C VAL A 56 -22.15 -10.16 0.65
N ILE A 57 -22.99 -9.30 1.19
CA ILE A 57 -24.30 -9.81 1.62
C ILE A 57 -25.10 -10.36 0.40
N ARG A 58 -25.16 -9.59 -0.68
CA ARG A 58 -25.78 -10.05 -1.95
CA ARG A 58 -25.80 -10.05 -1.93
C ARG A 58 -25.20 -11.37 -2.46
N LEU A 59 -23.87 -11.50 -2.43
CA LEU A 59 -23.24 -12.77 -2.81
C LEU A 59 -23.79 -13.93 -1.98
N CYS A 60 -23.89 -13.75 -0.66
CA CYS A 60 -24.37 -14.81 0.22
C CYS A 60 -25.84 -15.21 -0.13
N SER A 62 -27.42 -14.62 -3.00
CA SER A 62 -27.35 -15.22 -4.34
C SER A 62 -27.09 -16.73 -4.30
N LEU A 63 -26.26 -17.18 -3.34
CA LEU A 63 -25.92 -18.56 -3.18
C LEU A 63 -26.88 -19.37 -2.30
N GLY A 64 -27.92 -18.69 -1.78
CA GLY A 64 -28.90 -19.33 -0.89
C GLY A 64 -28.45 -19.54 0.56
N LEU A 65 -27.47 -18.76 0.96
CA LEU A 65 -26.89 -18.81 2.30
C LEU A 65 -27.48 -17.76 3.18
N LYS A 66 -27.43 -17.97 4.48
CA LYS A 66 -28.01 -17.04 5.45
C LYS A 66 -27.18 -15.79 5.67
N GLY A 67 -25.92 -15.82 5.23
CA GLY A 67 -25.03 -14.68 5.41
C GLY A 67 -23.58 -15.12 5.33
N PHE A 68 -22.68 -14.24 5.74
CA PHE A 68 -21.24 -14.49 5.55
C PHE A 68 -20.74 -15.56 6.50
N GLN A 69 -21.25 -15.60 7.74
CA GLN A 69 -20.91 -16.71 8.64
C GLN A 69 -21.25 -18.07 8.03
N ASP A 70 -22.43 -18.20 7.39
CA ASP A 70 -22.80 -19.44 6.71
C ASP A 70 -21.80 -19.80 5.60
N LEU A 71 -21.44 -18.78 4.81
CA LEU A 71 -20.49 -18.95 3.71
C LEU A 71 -19.16 -19.48 4.32
N ARG A 74 -19.29 -23.10 5.57
CA ARG A 74 -19.38 -24.07 4.49
C ARG A 74 -18.04 -24.18 3.75
N VAL A 75 -17.35 -23.05 3.64
CA VAL A 75 -15.99 -23.10 3.05
C VAL A 75 -15.03 -23.89 4.00
N ALA A 76 -15.05 -23.56 5.29
CA ALA A 76 -14.25 -24.29 6.30
C ALA A 76 -14.52 -25.80 6.26
N GLY A 77 -15.79 -26.17 6.08
CA GLY A 77 -16.21 -27.58 5.97
C GLY A 77 -15.53 -28.26 4.80
N ASP A 78 -15.41 -27.55 3.68
CA ASP A 78 -14.68 -28.09 2.53
C ASP A 78 -13.18 -28.21 2.78
N LEU A 79 -12.62 -27.20 3.45
CA LEU A 79 -11.15 -27.21 3.75
C LEU A 79 -10.79 -28.33 4.72
N ALA A 80 -11.75 -28.76 5.54
CA ALA A 80 -11.57 -29.90 6.44
C ALA A 80 -11.38 -31.23 5.73
N LYS A 81 -11.96 -31.35 4.54
CA LYS A 81 -11.95 -32.61 3.75
C LYS A 81 -10.64 -32.86 3.04
N PRO A 82 -10.21 -34.15 2.98
CA PRO A 82 -9.06 -34.50 2.16
C PRO A 82 -9.23 -34.03 0.70
N THR A 83 -10.46 -34.12 0.18
CA THR A 83 -10.81 -33.54 -1.14
C THR A 83 -10.31 -32.08 -1.35
N PHE A 84 -10.16 -31.31 -0.28
CA PHE A 84 -9.77 -29.89 -0.38
C PHE A 84 -8.51 -29.50 0.43
N GLN A 85 -7.92 -30.49 1.11
CA GLN A 85 -6.68 -30.33 1.87
C GLN A 85 -5.49 -30.54 0.94
N GLY A 86 -4.42 -29.79 1.19
CA GLY A 86 -3.24 -29.82 0.34
C GLY A 86 -2.75 -28.43 0.00
N ALA B 5 -0.91 -0.89 21.56
CA ALA B 5 -1.26 -1.37 20.18
C ALA B 5 0.00 -1.73 19.43
N THR B 6 -0.02 -2.91 18.84
CA THR B 6 1.18 -3.59 18.43
C THR B 6 0.77 -4.57 17.32
N GLY B 7 1.75 -5.27 16.74
CA GLY B 7 1.51 -6.34 15.78
C GLY B 7 1.43 -5.88 14.34
N GLY B 8 1.73 -4.59 14.07
CA GLY B 8 1.57 -4.02 12.72
C GLY B 8 2.44 -4.74 11.70
N LEU B 9 3.68 -5.04 12.08
CA LEU B 9 4.58 -5.72 11.14
C LEU B 9 4.22 -7.19 10.91
N ALA B 10 3.80 -7.86 11.98
CA ALA B 10 3.38 -9.25 11.89
C ALA B 10 2.13 -9.38 11.03
N ILE B 11 1.14 -8.50 11.25
CA ILE B 11 -0.09 -8.57 10.41
C ILE B 11 0.20 -8.31 8.92
N ILE B 12 1.13 -7.40 8.61
CA ILE B 12 1.47 -7.11 7.21
C ILE B 12 2.26 -8.28 6.58
N GLN B 13 3.25 -8.78 7.31
CA GLN B 13 4.06 -9.92 6.82
C GLN B 13 3.15 -11.16 6.53
N SER B 14 2.26 -11.46 7.48
CA SER B 14 1.23 -12.53 7.34
C SER B 14 0.43 -12.51 6.05
N HIS B 17 1.57 -12.29 0.87
CA HIS B 17 1.29 -13.10 -0.33
C HIS B 17 -0.21 -13.35 -0.60
N LEU B 19 -2.35 -10.56 -0.88
CA LEU B 19 -2.85 -9.22 -1.18
C LEU B 19 -2.88 -8.96 -2.67
N PRO B 20 -3.87 -8.20 -3.14
CA PRO B 20 -3.86 -7.76 -4.54
C PRO B 20 -2.64 -6.86 -4.78
N PRO B 21 -2.20 -6.73 -6.06
CA PRO B 21 -1.00 -5.92 -6.45
C PRO B 21 -0.79 -4.55 -5.78
N SER B 22 -1.80 -3.69 -5.77
CA SER B 22 -1.62 -2.31 -5.30
C SER B 22 -1.41 -2.32 -3.80
N GLU B 23 -2.09 -3.25 -3.12
CA GLU B 23 -1.94 -3.43 -1.68
CA GLU B 23 -1.92 -3.42 -1.67
C GLU B 23 -0.58 -4.09 -1.38
N ARG B 24 -0.17 -5.00 -2.27
CA ARG B 24 1.10 -5.69 -2.17
C ARG B 24 2.29 -4.72 -2.20
N LYS B 25 2.26 -3.79 -3.16
CA LYS B 25 3.35 -2.80 -3.30
C LYS B 25 3.46 -2.01 -2.00
N LEU B 26 2.31 -1.66 -1.40
CA LEU B 26 2.32 -0.96 -0.11
C LEU B 26 2.92 -1.78 1.01
N ALA B 27 2.46 -3.04 1.16
CA ALA B 27 2.96 -3.89 2.24
C ALA B 27 4.48 -4.03 2.07
N ASP B 28 4.93 -4.14 0.83
CA ASP B 28 6.35 -4.37 0.61
C ASP B 28 7.18 -3.16 1.03
N TYR B 29 6.67 -1.96 0.76
CA TYR B 29 7.44 -0.77 1.06
C TYR B 29 7.50 -0.58 2.59
N ILE B 30 6.35 -0.79 3.23
CA ILE B 30 6.23 -0.66 4.73
C ILE B 30 7.17 -1.66 5.40
N LEU B 31 7.16 -2.92 4.94
CA LEU B 31 8.04 -3.91 5.55
C LEU B 31 9.52 -3.56 5.34
N ALA B 32 9.85 -3.01 4.17
CA ALA B 32 11.24 -2.61 3.87
C ALA B 32 11.69 -1.39 4.64
N HIS B 33 10.74 -0.45 4.86
CA HIS B 33 11.06 0.86 5.47
C HIS B 33 10.06 1.24 6.58
N PRO B 34 10.00 0.41 7.64
CA PRO B 34 8.93 0.67 8.67
C PRO B 34 9.16 1.96 9.47
N HIS B 35 10.40 2.39 9.67
CA HIS B 35 10.65 3.67 10.33
C HIS B 35 10.09 4.85 9.50
N ALA B 37 7.73 4.50 7.43
CA ALA B 37 6.29 4.32 7.25
C ALA B 37 5.55 5.04 8.38
N ILE B 38 6.10 4.92 9.59
CA ILE B 38 5.36 5.44 10.82
C ILE B 38 5.42 6.98 10.87
N GLU B 39 6.27 7.58 10.03
CA GLU B 39 6.33 9.06 9.90
C GLU B 39 5.92 9.52 8.51
N SER B 40 4.99 8.81 7.88
CA SER B 40 4.56 9.17 6.54
C SER B 40 3.08 9.45 6.56
N THR B 41 2.65 10.38 5.72
CA THR B 41 1.24 10.54 5.38
C THR B 41 0.77 9.48 4.39
N VAL B 42 -0.57 9.39 4.24
CA VAL B 42 -1.13 8.51 3.18
C VAL B 42 -0.62 8.85 1.78
N ASN B 43 -0.57 10.13 1.45
CA ASN B 43 -0.03 10.59 0.15
C ASN B 43 1.44 10.18 -0.01
N GLU B 44 2.25 10.32 1.04
CA GLU B 44 3.70 9.99 0.90
C GLU B 44 3.86 8.49 0.69
N ILE B 45 3.20 7.71 1.52
CA ILE B 45 3.39 6.26 1.43
C ILE B 45 2.87 5.71 0.09
N SER B 46 1.76 6.26 -0.41
CA SER B 46 1.22 5.76 -1.66
C SER B 46 2.20 6.09 -2.78
N ALA B 47 2.80 7.29 -2.76
CA ALA B 47 3.86 7.65 -3.73
C ALA B 47 5.09 6.77 -3.62
N LEU B 48 5.52 6.49 -2.39
CA LEU B 48 6.74 5.69 -2.19
C LEU B 48 6.55 4.28 -2.74
N ALA B 49 5.34 3.75 -2.60
CA ALA B 49 5.03 2.38 -3.06
C ALA B 49 4.58 2.32 -4.53
N ASN B 50 4.48 3.49 -5.17
CA ASN B 50 3.93 3.63 -6.52
C ASN B 50 2.57 2.97 -6.56
N SER B 51 1.69 3.40 -5.66
CA SER B 51 0.37 2.82 -5.50
C SER B 51 -0.61 3.98 -5.38
N SER B 52 -1.77 3.84 -4.76
CA SER B 52 -2.68 4.99 -4.72
C SER B 52 -3.19 5.27 -3.31
N ASP B 53 -3.77 6.45 -3.11
CA ASP B 53 -4.36 6.77 -1.81
C ASP B 53 -5.44 5.76 -1.44
N ALA B 54 -6.30 5.43 -2.40
CA ALA B 54 -7.38 4.45 -2.17
C ALA B 54 -6.88 3.06 -1.77
N ALA B 55 -5.76 2.63 -2.35
CA ALA B 55 -5.12 1.34 -2.02
C ALA B 55 -4.57 1.31 -0.58
N VAL B 56 -4.12 2.48 -0.09
CA VAL B 56 -3.69 2.56 1.32
C VAL B 56 -4.89 2.31 2.21
N ILE B 57 -5.99 2.99 1.91
CA ILE B 57 -7.19 2.78 2.74
C ILE B 57 -7.67 1.33 2.65
N ARG B 58 -7.71 0.78 1.45
CA ARG B 58 -8.09 -0.64 1.22
CA ARG B 58 -8.15 -0.60 1.37
C ARG B 58 -7.16 -1.61 1.94
N LEU B 59 -5.84 -1.31 1.92
CA LEU B 59 -4.89 -2.13 2.67
C LEU B 59 -5.26 -2.18 4.16
N CYS B 60 -5.53 -1.02 4.75
CA CYS B 60 -5.87 -0.92 6.17
C CYS B 60 -7.16 -1.74 6.50
N SER B 62 -8.47 -4.23 4.66
CA SER B 62 -8.14 -5.64 4.46
C SER B 62 -7.53 -6.28 5.70
N LEU B 63 -6.74 -5.52 6.47
CA LEU B 63 -6.06 -5.99 7.64
C LEU B 63 -6.90 -5.87 8.92
N GLY B 64 -8.09 -5.31 8.79
CA GLY B 64 -9.00 -5.14 9.96
C GLY B 64 -8.67 -3.93 10.82
N LEU B 65 -7.96 -2.97 10.23
CA LEU B 65 -7.53 -1.74 10.92
C LEU B 65 -8.49 -0.61 10.63
N LYS B 66 -8.54 0.37 11.52
CA LYS B 66 -9.46 1.51 11.37
C LYS B 66 -9.00 2.50 10.30
N GLY B 67 -7.73 2.41 9.91
CA GLY B 67 -7.18 3.33 8.95
C GLY B 67 -5.67 3.40 9.08
N PHE B 68 -5.10 4.40 8.44
CA PHE B 68 -3.63 4.45 8.32
C PHE B 68 -2.96 4.82 9.63
N GLN B 69 -3.58 5.70 10.41
CA GLN B 69 -3.08 5.98 11.75
C GLN B 69 -3.03 4.71 12.62
N ASP B 70 -4.07 3.85 12.56
CA ASP B 70 -4.05 2.59 13.30
C ASP B 70 -2.88 1.72 12.85
N LEU B 71 -2.68 1.66 11.52
CA LEU B 71 -1.57 0.85 10.96
C LEU B 71 -0.25 1.41 11.52
N ARG B 74 0.40 0.59 15.19
CA ARG B 74 0.69 -0.80 15.45
C ARG B 74 2.06 -1.15 14.93
N VAL B 75 2.48 -0.52 13.84
CA VAL B 75 3.86 -0.74 13.39
C VAL B 75 4.85 -0.12 14.42
N ALA B 76 4.62 1.14 14.81
CA ALA B 76 5.46 1.80 15.86
C ALA B 76 5.56 0.94 17.14
N GLY B 77 4.44 0.32 17.52
CA GLY B 77 4.39 -0.58 18.70
C GLY B 77 5.36 -1.74 18.54
N ASP B 78 5.44 -2.30 17.34
CA ASP B 78 6.38 -3.39 17.06
C ASP B 78 7.82 -2.89 17.08
N LEU B 79 8.03 -1.70 16.52
CA LEU B 79 9.38 -1.08 16.50
C LEU B 79 9.90 -0.76 17.90
N ALA B 80 9.00 -0.50 18.84
CA ALA B 80 9.36 -0.28 20.25
C ALA B 80 9.93 -1.51 20.94
N LYS B 81 9.48 -2.70 20.52
CA LYS B 81 9.85 -4.00 21.11
C LYS B 81 11.25 -4.44 20.75
N PRO B 82 11.97 -5.04 21.74
CA PRO B 82 13.26 -5.70 21.50
C PRO B 82 13.25 -6.59 20.26
N THR B 83 12.17 -7.37 20.08
CA THR B 83 11.99 -8.20 18.89
C THR B 83 12.32 -7.45 17.59
N PHE B 84 11.80 -6.22 17.44
CA PHE B 84 11.91 -5.50 16.17
C PHE B 84 12.92 -4.34 16.16
N GLN B 85 13.67 -4.17 17.27
CA GLN B 85 14.73 -3.15 17.39
C GLN B 85 16.08 -3.69 16.84
N GLY B 86 16.83 -2.80 16.19
CA GLY B 86 18.05 -3.17 15.49
C GLY B 86 18.12 -2.56 14.09
N ALA C 5 10.97 29.21 2.93
CA ALA C 5 10.73 27.83 2.49
C ALA C 5 12.13 27.31 2.20
N THR C 6 12.54 26.32 3.00
CA THR C 6 13.88 25.80 3.02
C THR C 6 13.80 24.28 3.25
N GLY C 7 14.96 23.66 3.44
CA GLY C 7 15.05 22.28 3.85
C GLY C 7 15.11 21.29 2.69
N GLY C 8 15.13 21.77 1.43
CA GLY C 8 15.01 20.89 0.25
C GLY C 8 16.15 19.88 0.17
N LEU C 9 17.36 20.36 0.44
CA LEU C 9 18.49 19.46 0.39
C LEU C 9 18.54 18.44 1.55
N ALA C 10 18.17 18.89 2.74
CA ALA C 10 18.14 18.02 3.90
C ALA C 10 17.09 16.93 3.72
N ILE C 11 15.89 17.31 3.28
CA ILE C 11 14.81 16.32 3.04
C ILE C 11 15.18 15.27 1.97
N ILE C 12 15.83 15.68 0.89
CA ILE C 12 16.30 14.71 -0.11
C ILE C 12 17.42 13.81 0.41
N GLN C 13 18.40 14.40 1.08
CA GLN C 13 19.54 13.64 1.61
C GLN C 13 19.04 12.57 2.59
N SER C 14 18.14 12.95 3.49
CA SER C 14 17.60 11.99 4.48
C SER C 14 16.74 10.85 3.91
N HIS C 17 18.45 6.85 0.74
CA HIS C 17 18.51 5.38 0.80
C HIS C 17 17.14 4.70 1.08
N LEU C 19 14.44 5.37 -1.09
CA LEU C 19 13.70 5.70 -2.31
C LEU C 19 13.77 4.56 -3.34
N PRO C 20 12.65 4.31 -4.03
CA PRO C 20 12.70 3.37 -5.15
C PRO C 20 13.68 3.88 -6.22
N PRO C 21 14.23 2.98 -7.06
CA PRO C 21 15.30 3.35 -8.04
C PRO C 21 15.09 4.62 -8.89
N SER C 22 13.92 4.80 -9.48
CA SER C 22 13.69 5.94 -10.37
C SER C 22 13.68 7.24 -9.58
N GLU C 23 13.15 7.20 -8.36
CA GLU C 23 13.18 8.36 -7.48
CA GLU C 23 13.20 8.37 -7.48
C GLU C 23 14.62 8.59 -6.98
N ARG C 24 15.36 7.50 -6.80
CA ARG C 24 16.72 7.57 -6.34
C ARG C 24 17.67 8.28 -7.32
N LYS C 25 17.55 7.95 -8.61
CA LYS C 25 18.38 8.55 -9.66
C LYS C 25 18.15 10.07 -9.64
N LEU C 26 16.89 10.48 -9.44
CA LEU C 26 16.58 11.91 -9.34
C LEU C 26 17.19 12.56 -8.11
N ALA C 27 17.04 11.91 -6.94
CA ALA C 27 17.56 12.51 -5.72
C ALA C 27 19.08 12.66 -5.85
N ASP C 28 19.72 11.69 -6.49
CA ASP C 28 21.20 11.76 -6.64
C ASP C 28 21.64 12.90 -7.52
N TYR C 29 20.90 13.13 -8.59
CA TYR C 29 21.25 14.18 -9.53
C TYR C 29 21.09 15.56 -8.86
N ILE C 30 19.96 15.74 -8.16
CA ILE C 30 19.64 17.00 -7.47
C ILE C 30 20.70 17.28 -6.39
N LEU C 31 21.04 16.27 -5.61
CA LEU C 31 22.09 16.46 -4.60
C LEU C 31 23.45 16.80 -5.19
N ALA C 32 23.79 16.20 -6.34
CA ALA C 32 25.06 16.47 -7.02
C ALA C 32 25.10 17.83 -7.70
N HIS C 33 23.92 18.24 -8.22
CA HIS C 33 23.82 19.47 -9.03
C HIS C 33 22.63 20.34 -8.59
N PRO C 34 22.66 20.80 -7.33
CA PRO C 34 21.47 21.57 -6.85
C PRO C 34 21.27 22.93 -7.53
N HIS C 35 22.36 23.60 -7.94
CA HIS C 35 22.18 24.83 -8.69
C HIS C 35 21.48 24.61 -10.03
N ALA C 37 19.50 22.15 -10.56
CA ALA C 37 18.16 21.59 -10.29
C ALA C 37 17.14 22.73 -10.14
N ILE C 38 17.54 23.81 -9.50
CA ILE C 38 16.58 24.93 -9.16
C ILE C 38 16.26 25.76 -10.41
N GLU C 39 17.05 25.56 -11.48
CA GLU C 39 16.74 26.17 -12.78
C GLU C 39 16.41 25.15 -13.86
N SER C 40 15.79 24.03 -13.47
CA SER C 40 15.41 23.02 -14.45
C SER C 40 13.92 22.82 -14.45
N THR C 41 13.36 22.50 -15.61
CA THR C 41 11.99 21.96 -15.73
C THR C 41 11.94 20.50 -15.31
N VAL C 42 10.72 19.99 -15.15
CA VAL C 42 10.53 18.54 -14.90
C VAL C 42 11.12 17.66 -16.02
N ASN C 43 10.88 18.06 -17.27
CA ASN C 43 11.40 17.34 -18.44
C ASN C 43 12.92 17.31 -18.39
N GLU C 44 13.55 18.44 -18.06
CA GLU C 44 15.05 18.50 -18.06
C GLU C 44 15.62 17.63 -16.94
N ILE C 45 15.08 17.79 -15.73
CA ILE C 45 15.63 17.04 -14.62
C ILE C 45 15.45 15.54 -14.83
N SER C 46 14.32 15.13 -15.42
CA SER C 46 14.06 13.71 -15.57
C SER C 46 15.06 13.15 -16.59
N ALA C 47 15.34 13.91 -17.64
CA ALA C 47 16.39 13.52 -18.63
C ALA C 47 17.76 13.46 -17.99
N LEU C 48 18.10 14.46 -17.20
CA LEU C 48 19.42 14.48 -16.54
C LEU C 48 19.60 13.28 -15.61
N ALA C 49 18.52 12.86 -14.95
CA ALA C 49 18.59 11.72 -14.01
C ALA C 49 18.41 10.36 -14.70
N ASN C 50 18.17 10.37 -16.02
CA ASN C 50 17.72 9.20 -16.80
C ASN C 50 16.58 8.52 -16.06
N SER C 51 15.57 9.33 -15.75
CA SER C 51 14.38 8.85 -15.06
C SER C 51 13.16 9.27 -15.87
N SER C 52 11.99 9.44 -15.27
CA SER C 52 10.82 9.85 -16.05
C SER C 52 10.12 11.06 -15.41
N ASP C 53 9.24 11.70 -16.19
CA ASP C 53 8.43 12.80 -15.66
C ASP C 53 7.56 12.35 -14.50
N ALA C 54 6.96 11.17 -14.63
CA ALA C 54 6.11 10.65 -13.55
C ALA C 54 6.87 10.42 -12.23
N ALA C 55 8.12 9.97 -12.34
CA ALA C 55 8.98 9.74 -11.19
C ALA C 55 9.36 11.05 -10.45
N VAL C 56 9.49 12.14 -11.20
CA VAL C 56 9.75 13.44 -10.56
C VAL C 56 8.51 13.78 -9.74
N ILE C 57 7.35 13.60 -10.30
CA ILE C 57 6.13 13.91 -9.52
C ILE C 57 6.02 13.01 -8.25
N ARG C 58 6.22 11.70 -8.42
CA ARG C 58 6.27 10.75 -7.30
CA ARG C 58 6.30 10.73 -7.31
C ARG C 58 7.34 11.10 -6.26
N LEU C 59 8.52 11.55 -6.73
CA LEU C 59 9.55 11.98 -5.80
C LEU C 59 9.00 13.10 -4.91
N CYS C 60 8.39 14.12 -5.52
CA CYS C 60 7.86 15.26 -4.77
C CYS C 60 6.77 14.85 -3.74
N SER C 62 6.36 11.78 -2.50
CA SER C 62 7.04 10.97 -1.49
C SER C 62 7.66 11.82 -0.38
N LEU C 63 8.12 13.03 -0.72
CA LEU C 63 8.72 13.95 0.22
C LEU C 63 7.71 14.85 0.93
N GLY C 64 6.42 14.75 0.55
CA GLY C 64 5.38 15.56 1.18
C GLY C 64 5.28 16.97 0.61
N LEU C 65 5.82 17.15 -0.59
CA LEU C 65 5.87 18.43 -1.29
C LEU C 65 4.75 18.52 -2.28
N LYS C 66 4.35 19.74 -2.61
CA LYS C 66 3.22 19.98 -3.51
C LYS C 66 3.53 19.68 -4.97
N GLY C 67 4.83 19.59 -5.31
CA GLY C 67 5.27 19.38 -6.66
C GLY C 67 6.70 19.89 -6.85
N PHE C 68 7.13 19.96 -8.09
CA PHE C 68 8.53 20.23 -8.40
C PHE C 68 8.87 21.66 -8.11
N GLN C 69 7.93 22.60 -8.33
CA GLN C 69 8.16 23.99 -7.89
C GLN C 69 8.47 24.10 -6.39
N ASP C 70 7.70 23.40 -5.54
CA ASP C 70 7.93 23.37 -4.10
C ASP C 70 9.33 22.83 -3.81
N LEU C 71 9.65 21.72 -4.48
CA LEU C 71 10.96 21.11 -4.29
C LEU C 71 12.02 22.19 -4.62
N ARG C 74 12.46 24.97 -2.07
CA ARG C 74 13.03 24.55 -0.83
C ARG C 74 14.50 24.27 -0.97
N VAL C 75 14.87 23.77 -2.13
CA VAL C 75 16.32 23.63 -2.43
C VAL C 75 17.01 25.04 -2.53
N ALA C 76 16.42 25.95 -3.31
CA ALA C 76 16.87 27.35 -3.43
C ALA C 76 17.04 28.00 -2.04
N GLY C 77 16.06 27.74 -1.16
CA GLY C 77 16.10 28.25 0.22
C GLY C 77 17.33 27.78 0.97
N ASP C 78 17.68 26.51 0.78
CA ASP C 78 18.90 25.94 1.37
C ASP C 78 20.17 26.55 0.77
N LEU C 79 20.17 26.73 -0.55
CA LEU C 79 21.34 27.33 -1.24
C LEU C 79 21.58 28.78 -0.83
N ALA C 80 20.54 29.47 -0.38
CA ALA C 80 20.66 30.84 0.10
C ALA C 80 21.44 30.95 1.41
N LYS C 81 21.36 29.90 2.23
CA LYS C 81 21.97 29.83 3.58
C LYS C 81 23.50 29.65 3.55
N PRO C 82 24.20 30.34 4.47
CA PRO C 82 25.64 30.10 4.68
C PRO C 82 25.94 28.60 4.84
N THR C 83 25.07 27.90 5.55
CA THR C 83 25.15 26.43 5.71
C THR C 83 25.34 25.63 4.40
N PHE C 84 24.84 26.15 3.26
CA PHE C 84 24.89 25.41 1.98
C PHE C 84 25.65 26.09 0.81
N GLN C 85 26.45 27.11 1.12
CA GLN C 85 27.33 27.78 0.14
C GLN C 85 28.81 27.43 0.39
N GLY C 86 29.63 27.34 -0.66
CA GLY C 86 29.21 27.64 -2.04
C GLY C 86 29.32 26.49 -3.04
#